data_8VD3
#
_entry.id   8VD3
#
_cell.length_a   43.692
_cell.length_b   69.267
_cell.length_c   90.800
_cell.angle_alpha   90.00
_cell.angle_beta   93.38
_cell.angle_gamma   90.00
#
_symmetry.space_group_name_H-M   'P 1 21 1'
#
loop_
_entity.id
_entity.type
_entity.pdbx_description
1 polymer 'Strigolactone esterase D14'
2 water water
#
_entity_poly.entity_id   1
_entity_poly.type   'polypeptide(L)'
_entity_poly.pdbx_seq_one_letter_code
;MSQHNILEALNVRVVGTGDRILFLAHGFGTDQSAWHLILPYFTQNYRVVLYDLVCAGSVNPDYFDFNRYTTLDPYVDDLL
NIVDSLGIQNCAYVGHSVSAMIGIIASIRRPELFSKLILIGFSPRFLNDEDYHGGFEEGEIEKVFSAMEANYEAWVHGFA
PLAVGADVPAAVREFSRTLFNMRPDISLFVSRTVFNSDLRGVLGLVRVPTCVIQTAKDVSVPASVAEYLRSHLGGDTTVE
TLKTEGHLPQLSAPAQLAQFLRRALPR
;
_entity_poly.pdbx_strand_id   A,B
#
# COMPACT_ATOMS: atom_id res chain seq x y z
N ASN A 5 28.92 12.69 12.82
CA ASN A 5 28.24 12.33 14.12
C ASN A 5 26.73 12.65 14.06
N ILE A 6 26.34 13.92 14.01
CA ILE A 6 25.00 14.23 13.52
C ILE A 6 24.80 13.65 12.11
N LEU A 7 25.88 13.56 11.32
CA LEU A 7 25.81 12.95 10.00
C LEU A 7 25.41 11.48 10.11
N GLU A 8 25.87 10.82 11.18
CA GLU A 8 25.53 9.42 11.38
C GLU A 8 24.15 9.29 12.03
N ALA A 9 23.86 10.11 13.02
CA ALA A 9 22.62 9.98 13.77
C ALA A 9 21.41 10.21 12.85
N LEU A 10 21.52 11.16 11.91
CA LEU A 10 20.40 11.53 11.06
C LEU A 10 20.56 10.96 9.65
N ASN A 11 21.41 9.93 9.49
CA ASN A 11 21.44 9.13 8.28
C ASN A 11 21.60 10.03 7.05
N VAL A 12 22.55 10.98 7.13
CA VAL A 12 22.83 11.87 6.02
C VAL A 12 23.45 11.05 4.89
N ARG A 13 23.00 11.32 3.66
CA ARG A 13 23.48 10.59 2.50
C ARG A 13 23.59 11.62 1.39
N VAL A 14 24.69 11.56 0.63
CA VAL A 14 25.00 12.48 -0.43
C VAL A 14 25.28 11.61 -1.66
N VAL A 15 24.59 11.90 -2.75
CA VAL A 15 24.63 11.08 -3.96
C VAL A 15 24.56 12.04 -5.13
N GLY A 16 24.80 11.50 -6.33
CA GLY A 16 24.74 12.30 -7.53
C GLY A 16 26.03 13.07 -7.79
N THR A 17 25.98 13.90 -8.83
CA THR A 17 27.09 14.72 -9.26
C THR A 17 26.51 15.97 -9.93
N GLY A 18 27.14 17.12 -9.70
CA GLY A 18 26.78 18.37 -10.35
C GLY A 18 27.22 19.56 -9.52
N ASP A 19 27.00 20.77 -10.00
CA ASP A 19 27.51 21.96 -9.32
C ASP A 19 26.58 22.31 -8.17
N ARG A 20 25.29 22.24 -8.42
CA ARG A 20 24.28 22.65 -7.44
C ARG A 20 24.05 21.57 -6.40
N ILE A 21 23.94 22.00 -5.13
CA ILE A 21 23.52 21.12 -4.07
C ILE A 21 22.00 21.21 -4.03
N LEU A 22 21.36 20.07 -4.14
CA LEU A 22 19.93 19.92 -3.95
C LEU A 22 19.72 19.22 -2.62
N PHE A 23 19.04 19.91 -1.70
CA PHE A 23 18.83 19.36 -0.36
C PHE A 23 17.38 18.93 -0.21
N LEU A 24 17.11 17.63 -0.02
CA LEU A 24 15.76 17.13 0.11
C LEU A 24 15.46 16.77 1.57
N ALA A 25 14.38 17.39 2.10
CA ALA A 25 14.03 17.33 3.50
C ALA A 25 12.56 16.91 3.68
N HIS A 26 12.37 15.69 4.17
CA HIS A 26 11.08 15.01 4.23
C HIS A 26 10.25 15.61 5.36
N GLY A 27 8.96 15.28 5.37
CA GLY A 27 8.07 15.77 6.43
C GLY A 27 7.62 14.68 7.39
N PHE A 28 6.55 15.00 8.13
CA PHE A 28 5.98 14.17 9.16
C PHE A 28 5.54 12.83 8.60
N GLY A 29 5.95 11.76 9.28
CA GLY A 29 5.40 10.44 9.01
C GLY A 29 6.23 9.62 8.02
N THR A 30 7.25 10.25 7.41
CA THR A 30 8.11 9.57 6.46
C THR A 30 9.56 9.74 6.91
N ASP A 31 10.46 9.31 6.04
CA ASP A 31 11.88 9.49 6.17
C ASP A 31 12.41 9.84 4.78
N GLN A 32 13.74 9.94 4.62
CA GLN A 32 14.30 10.36 3.35
C GLN A 32 13.95 9.40 2.21
N SER A 33 13.50 8.17 2.52
CA SER A 33 13.10 7.21 1.49
C SER A 33 11.87 7.69 0.73
N ALA A 34 11.10 8.65 1.24
CA ALA A 34 9.99 9.21 0.46
C ALA A 34 10.46 9.95 -0.80
N TRP A 35 11.76 10.27 -0.88
CA TRP A 35 12.30 10.92 -2.08
C TRP A 35 12.75 9.92 -3.16
N HIS A 36 12.66 8.61 -2.90
CA HIS A 36 13.36 7.66 -3.74
C HIS A 36 12.81 7.58 -5.16
N LEU A 37 11.55 7.96 -5.39
CA LEU A 37 11.00 7.92 -6.73
C LEU A 37 11.43 9.14 -7.54
N ILE A 38 11.64 10.31 -6.92
CA ILE A 38 12.01 11.47 -7.71
C ILE A 38 13.53 11.58 -7.84
N LEU A 39 14.28 10.96 -6.93
CA LEU A 39 15.72 11.14 -6.85
C LEU A 39 16.44 10.88 -8.18
N PRO A 40 16.13 9.81 -8.95
CA PRO A 40 16.83 9.55 -10.22
C PRO A 40 16.67 10.64 -11.27
N TYR A 41 15.66 11.47 -11.13
CA TYR A 41 15.52 12.57 -12.07
C TYR A 41 16.56 13.65 -11.79
N PHE A 42 17.35 13.57 -10.70
CA PHE A 42 18.20 14.71 -10.37
C PHE A 42 19.67 14.32 -10.15
N THR A 43 20.00 13.03 -10.00
CA THR A 43 21.31 12.67 -9.49
C THR A 43 22.38 12.79 -10.58
N GLN A 44 21.98 12.97 -11.85
CA GLN A 44 22.94 13.17 -12.93
C GLN A 44 23.40 14.62 -13.01
N ASN A 45 22.61 15.58 -12.50
CA ASN A 45 22.84 17.01 -12.64
C ASN A 45 22.97 17.74 -11.29
N TYR A 46 22.61 17.10 -10.18
CA TYR A 46 22.67 17.74 -8.87
C TYR A 46 23.42 16.83 -7.93
N ARG A 47 24.16 17.45 -7.02
CA ARG A 47 24.71 16.75 -5.88
C ARG A 47 23.61 16.80 -4.82
N VAL A 48 23.05 15.64 -4.50
CA VAL A 48 21.82 15.62 -3.71
C VAL A 48 22.15 15.19 -2.28
N VAL A 49 21.66 15.99 -1.33
CA VAL A 49 21.82 15.68 0.09
C VAL A 49 20.45 15.31 0.67
N LEU A 50 20.38 14.15 1.34
CA LEU A 50 19.21 13.70 2.05
C LEU A 50 19.59 13.50 3.51
N TYR A 51 18.59 13.61 4.39
CA TYR A 51 18.75 13.32 5.80
C TYR A 51 17.39 12.98 6.39
N ASP A 52 17.42 12.37 7.56
CA ASP A 52 16.23 12.01 8.32
C ASP A 52 16.12 12.97 9.49
N LEU A 53 14.94 13.57 9.67
CA LEU A 53 14.63 14.30 10.88
C LEU A 53 14.78 13.35 12.07
N VAL A 54 15.06 13.92 13.24
CA VAL A 54 15.28 13.14 14.45
C VAL A 54 14.05 12.32 14.83
N CYS A 55 12.86 12.74 14.38
CA CYS A 55 11.61 12.07 14.69
C CYS A 55 11.29 10.93 13.72
N ALA A 56 12.11 10.71 12.70
CA ALA A 56 11.89 9.61 11.77
C ALA A 56 12.12 8.25 12.45
N GLY A 57 11.31 7.28 12.04
CA GLY A 57 11.39 5.90 12.52
C GLY A 57 12.71 5.24 12.17
N SER A 58 13.39 5.76 11.16
CA SER A 58 14.68 5.25 10.71
C SER A 58 15.83 5.79 11.57
N VAL A 59 15.55 6.73 12.49
CA VAL A 59 16.55 7.29 13.38
C VAL A 59 16.39 6.59 14.73
N ASN A 60 17.53 6.28 15.37
CA ASN A 60 17.53 5.67 16.70
C ASN A 60 16.67 6.50 17.64
N PRO A 61 15.58 5.92 18.21
CA PRO A 61 14.70 6.65 19.12
C PRO A 61 15.39 7.25 20.34
N ASP A 62 16.55 6.70 20.71
CA ASP A 62 17.36 7.26 21.78
C ASP A 62 17.80 8.70 21.52
N TYR A 63 17.91 9.12 20.25
CA TYR A 63 18.28 10.50 19.95
C TYR A 63 17.13 11.48 20.17
N PHE A 64 15.89 10.99 20.24
CA PHE A 64 14.78 11.93 20.39
C PHE A 64 14.65 12.34 21.85
N ASP A 65 15.19 13.52 22.17
CA ASP A 65 15.08 14.05 23.51
C ASP A 65 13.85 14.96 23.59
N PHE A 66 12.82 14.50 24.30
CA PHE A 66 11.59 15.23 24.44
C PHE A 66 11.82 16.51 25.22
N ASN A 67 12.93 16.56 25.97
CA ASN A 67 13.30 17.75 26.73
C ASN A 67 13.84 18.81 25.78
N ARG A 68 14.57 18.40 24.75
CA ARG A 68 15.14 19.33 23.77
C ARG A 68 14.11 19.76 22.70
N TYR A 69 13.45 18.80 22.07
CA TYR A 69 12.71 19.10 20.85
C TYR A 69 11.30 19.59 21.13
N THR A 70 11.18 20.79 21.70
CA THR A 70 9.89 21.31 22.15
C THR A 70 9.35 22.38 21.21
N THR A 71 10.20 22.95 20.35
CA THR A 71 9.76 23.88 19.32
C THR A 71 10.50 23.49 18.06
N LEU A 72 10.30 24.21 16.97
CA LEU A 72 11.00 23.92 15.69
C LEU A 72 12.48 24.36 15.75
N ASP A 73 12.84 25.23 16.67
CA ASP A 73 14.23 25.79 16.70
C ASP A 73 15.30 24.69 16.80
N PRO A 74 15.23 23.71 17.73
CA PRO A 74 16.22 22.64 17.73
C PRO A 74 16.30 21.84 16.40
N TYR A 75 15.20 21.76 15.66
CA TYR A 75 15.20 21.07 14.35
C TYR A 75 15.99 21.89 13.33
N VAL A 76 15.80 23.21 13.36
CA VAL A 76 16.57 24.12 12.46
C VAL A 76 18.06 24.01 12.83
N ASP A 77 18.35 23.96 14.12
CA ASP A 77 19.76 23.77 14.60
C ASP A 77 20.34 22.50 13.97
N ASP A 78 19.56 21.42 13.95
CA ASP A 78 20.01 20.16 13.33
C ASP A 78 20.35 20.37 11.85
N LEU A 79 19.45 20.98 11.10
CA LEU A 79 19.66 21.22 9.65
C LEU A 79 20.94 22.05 9.43
N LEU A 80 21.04 23.18 10.12
CA LEU A 80 22.21 24.07 9.94
C LEU A 80 23.49 23.34 10.36
N ASN A 81 23.38 22.49 11.37
CA ASN A 81 24.53 21.66 11.81
C ASN A 81 24.96 20.76 10.66
N ILE A 82 23.98 20.15 9.97
CA ILE A 82 24.33 19.24 8.89
C ILE A 82 24.98 20.02 7.75
N VAL A 83 24.40 21.18 7.43
CA VAL A 83 24.85 22.02 6.35
C VAL A 83 26.30 22.42 6.59
N ASP A 84 26.55 22.93 7.79
CA ASP A 84 27.87 23.34 8.23
C ASP A 84 28.85 22.19 8.22
N SER A 85 28.44 21.03 8.75
CA SER A 85 29.26 19.84 8.83
C SER A 85 29.65 19.36 7.45
N LEU A 86 28.76 19.52 6.47
CA LEU A 86 29.06 19.10 5.12
C LEU A 86 29.92 20.15 4.40
N GLY A 87 29.98 21.36 4.99
CA GLY A 87 30.67 22.49 4.39
C GLY A 87 29.88 23.13 3.25
N ILE A 88 28.55 22.90 3.23
CA ILE A 88 27.68 23.49 2.21
C ILE A 88 27.57 24.99 2.43
N GLN A 89 27.79 25.76 1.36
CA GLN A 89 27.78 27.21 1.43
C GLN A 89 26.53 27.76 0.75
N ASN A 90 26.00 27.06 -0.24
CA ASN A 90 24.81 27.50 -0.95
C ASN A 90 24.08 26.23 -1.42
N CYS A 91 22.75 26.20 -1.35
CA CYS A 91 22.02 25.07 -1.88
C CYS A 91 20.62 25.46 -2.27
N ALA A 92 20.00 24.59 -3.06
CA ALA A 92 18.55 24.65 -3.23
C ALA A 92 17.93 23.64 -2.26
N TYR A 93 16.89 24.09 -1.58
CA TYR A 93 16.26 23.28 -0.55
C TYR A 93 14.79 23.03 -0.87
N VAL A 94 14.43 21.74 -0.86
CA VAL A 94 13.06 21.27 -0.99
C VAL A 94 12.60 20.69 0.36
N GLY A 95 11.58 21.30 0.98
CA GLY A 95 11.08 20.87 2.29
C GLY A 95 9.58 20.55 2.19
N HIS A 96 9.21 19.35 2.62
CA HIS A 96 7.84 18.91 2.73
C HIS A 96 7.36 19.15 4.16
N SER A 97 6.15 19.72 4.28
CA SER A 97 5.38 19.90 5.53
C SER A 97 6.27 20.50 6.62
N VAL A 98 6.63 19.73 7.65
CA VAL A 98 7.39 20.31 8.75
C VAL A 98 8.77 20.79 8.24
N SER A 99 9.39 20.07 7.31
CA SER A 99 10.67 20.51 6.76
C SER A 99 10.52 21.83 5.99
N ALA A 100 9.32 22.15 5.47
CA ALA A 100 9.07 23.45 4.89
C ALA A 100 9.14 24.51 5.99
N MET A 101 8.54 24.23 7.13
CA MET A 101 8.53 25.17 8.24
C MET A 101 9.96 25.39 8.70
N ILE A 102 10.72 24.30 8.78
CA ILE A 102 12.09 24.35 9.23
C ILE A 102 12.92 25.17 8.25
N GLY A 103 12.72 24.92 6.95
CA GLY A 103 13.39 25.67 5.89
C GLY A 103 13.19 27.20 6.00
N ILE A 104 11.95 27.63 6.24
CA ILE A 104 11.64 29.07 6.35
C ILE A 104 12.50 29.70 7.46
N ILE A 105 12.50 29.10 8.64
CA ILE A 105 13.26 29.67 9.79
C ILE A 105 14.76 29.67 9.44
N ALA A 106 15.25 28.56 8.89
CA ALA A 106 16.68 28.48 8.48
C ALA A 106 17.02 29.60 7.50
N SER A 107 16.12 29.86 6.54
CA SER A 107 16.35 30.91 5.51
C SER A 107 16.49 32.28 6.17
N ILE A 108 15.71 32.56 7.20
CA ILE A 108 15.75 33.88 7.89
C ILE A 108 17.06 33.96 8.70
N ARG A 109 17.41 32.89 9.39
CA ARG A 109 18.67 32.83 10.16
C ARG A 109 19.88 32.92 9.22
N ARG A 110 19.84 32.22 8.08
CA ARG A 110 21.00 32.16 7.16
C ARG A 110 20.53 32.43 5.72
N PRO A 111 20.25 33.70 5.37
CA PRO A 111 19.73 34.01 4.04
C PRO A 111 20.67 33.69 2.88
N GLU A 112 21.97 33.69 3.14
CA GLU A 112 22.97 33.41 2.09
C GLU A 112 23.04 31.92 1.77
N LEU A 113 22.39 31.10 2.58
CA LEU A 113 22.57 29.66 2.41
C LEU A 113 21.72 29.07 1.28
N PHE A 114 20.60 29.70 0.94
CA PHE A 114 19.63 29.11 0.02
C PHE A 114 19.49 29.90 -1.28
N SER A 115 19.71 29.24 -2.41
CA SER A 115 19.48 29.86 -3.70
C SER A 115 17.99 29.93 -3.94
N LYS A 116 17.25 28.95 -3.39
CA LYS A 116 15.84 28.79 -3.67
C LYS A 116 15.22 27.89 -2.60
N LEU A 117 13.98 28.18 -2.22
CA LEU A 117 13.20 27.34 -1.32
C LEU A 117 12.05 26.75 -2.10
N ILE A 118 11.92 25.44 -2.12
CA ILE A 118 10.75 24.79 -2.68
C ILE A 118 10.00 24.18 -1.50
N LEU A 119 8.75 24.59 -1.33
CA LEU A 119 7.99 24.25 -0.16
C LEU A 119 6.78 23.44 -0.60
N ILE A 120 6.70 22.18 -0.17
CA ILE A 120 5.64 21.28 -0.58
C ILE A 120 4.75 21.03 0.62
N GLY A 121 3.42 21.16 0.44
CA GLY A 121 2.52 20.80 1.54
C GLY A 121 2.79 21.65 2.78
N PHE A 122 2.97 22.96 2.59
CA PHE A 122 3.46 23.88 3.61
C PHE A 122 2.34 24.79 4.12
N SER A 123 2.18 24.82 5.44
CA SER A 123 1.37 25.81 6.10
C SER A 123 2.18 26.53 7.16
N PRO A 124 2.03 27.86 7.28
CA PRO A 124 2.66 28.60 8.37
C PRO A 124 1.90 28.47 9.70
N ARG A 125 0.65 27.99 9.66
CA ARG A 125 -0.15 27.83 10.85
C ARG A 125 -1.41 27.03 10.49
N PHE A 126 -1.62 25.93 11.24
CA PHE A 126 -2.71 25.00 11.00
C PHE A 126 -3.98 25.48 11.69
N LEU A 127 -3.86 26.06 12.89
CA LEU A 127 -5.02 26.54 13.64
C LEU A 127 -5.56 27.81 12.99
N ASN A 128 -6.88 27.89 12.89
CA ASN A 128 -7.55 29.07 12.39
C ASN A 128 -7.27 30.25 13.31
N ASP A 129 -7.53 31.44 12.78
CA ASP A 129 -7.46 32.67 13.55
C ASP A 129 -8.36 33.70 12.86
N GLU A 130 -8.60 34.83 13.52
CA GLU A 130 -9.41 35.89 12.93
C GLU A 130 -8.95 36.20 11.50
N ASP A 131 -9.85 36.06 10.53
CA ASP A 131 -9.57 36.26 9.11
C ASP A 131 -8.42 35.39 8.59
N TYR A 132 -8.16 34.23 9.18
CA TYR A 132 -7.07 33.36 8.72
C TYR A 132 -7.52 31.90 8.76
N HIS A 133 -7.51 31.24 7.61
CA HIS A 133 -8.00 29.89 7.51
C HIS A 133 -6.81 28.93 7.49
N GLY A 134 -6.48 28.36 8.65
CA GLY A 134 -5.43 27.35 8.73
C GLY A 134 -6.00 25.95 8.50
N GLY A 135 -7.28 25.77 8.84
CA GLY A 135 -8.02 24.57 8.51
C GLY A 135 -8.44 23.77 9.73
N PHE A 136 -7.95 24.15 10.93
CA PHE A 136 -8.22 23.39 12.14
C PHE A 136 -8.62 24.30 13.29
N GLU A 137 -9.33 23.72 14.25
CA GLU A 137 -9.62 24.37 15.52
C GLU A 137 -9.05 23.53 16.67
N GLU A 138 -8.91 24.18 17.81
CA GLU A 138 -8.15 23.63 18.93
C GLU A 138 -8.87 22.42 19.54
N GLY A 139 -10.19 22.54 19.72
CA GLY A 139 -11.01 21.43 20.18
C GLY A 139 -10.81 20.23 19.26
N GLU A 140 -10.95 20.49 17.96
CA GLU A 140 -10.80 19.45 16.96
C GLU A 140 -9.45 18.73 17.09
N ILE A 141 -8.35 19.47 17.21
CA ILE A 141 -7.04 18.84 17.13
C ILE A 141 -6.78 18.06 18.43
N GLU A 142 -7.30 18.55 19.54
CA GLU A 142 -7.20 17.78 20.78
C GLU A 142 -7.74 16.35 20.62
N LYS A 143 -8.84 16.17 19.87
CA LYS A 143 -9.38 14.84 19.64
C LYS A 143 -8.46 13.97 18.79
N VAL A 144 -7.80 14.58 17.79
CA VAL A 144 -6.83 13.85 17.02
C VAL A 144 -5.71 13.40 17.93
N PHE A 145 -5.19 14.31 18.77
CA PHE A 145 -4.10 13.96 19.66
C PHE A 145 -4.52 12.83 20.60
N SER A 146 -5.78 12.86 21.08
CA SER A 146 -6.31 11.79 21.93
C SER A 146 -6.37 10.47 21.18
N ALA A 147 -6.94 10.51 19.98
CA ALA A 147 -7.01 9.33 19.15
C ALA A 147 -5.61 8.77 18.88
N MET A 148 -4.64 9.64 18.57
CA MET A 148 -3.27 9.19 18.34
C MET A 148 -2.69 8.50 19.57
N GLU A 149 -2.99 9.02 20.75
CA GLU A 149 -2.47 8.43 21.97
C GLU A 149 -3.21 7.13 22.29
N ALA A 150 -4.54 7.19 22.23
CA ALA A 150 -5.37 6.07 22.63
C ALA A 150 -5.08 4.83 21.79
N ASN A 151 -4.87 5.00 20.47
CA ASN A 151 -4.72 3.86 19.59
C ASN A 151 -4.02 4.30 18.31
N TYR A 152 -2.69 4.35 18.37
CA TYR A 152 -1.89 4.88 17.27
C TYR A 152 -2.09 4.05 16.00
N GLU A 153 -2.18 2.74 16.15
CA GLU A 153 -2.28 1.84 15.02
C GLU A 153 -3.57 2.11 14.26
N ALA A 154 -4.66 2.35 15.00
CA ALA A 154 -5.94 2.60 14.36
C ALA A 154 -5.91 3.94 13.67
N TRP A 155 -5.29 4.92 14.34
CA TRP A 155 -5.17 6.23 13.74
C TRP A 155 -4.45 6.13 12.39
N VAL A 156 -3.30 5.45 12.36
CA VAL A 156 -2.52 5.28 11.14
C VAL A 156 -3.36 4.59 10.07
N HIS A 157 -4.00 3.48 10.47
CA HIS A 157 -4.86 2.67 9.61
C HIS A 157 -5.82 3.54 8.81
N GLY A 158 -6.46 4.49 9.50
CA GLY A 158 -7.43 5.38 8.92
C GLY A 158 -6.80 6.59 8.23
N PHE A 159 -5.73 7.13 8.81
CA PHE A 159 -5.16 8.38 8.31
C PHE A 159 -4.41 8.21 6.98
N ALA A 160 -3.65 7.13 6.80
CA ALA A 160 -2.72 7.00 5.69
C ALA A 160 -3.45 7.13 4.36
N PRO A 161 -4.53 6.36 4.08
CA PRO A 161 -5.23 6.53 2.80
C PRO A 161 -5.89 7.89 2.65
N LEU A 162 -6.41 8.45 3.75
CA LEU A 162 -7.07 9.75 3.67
C LEU A 162 -6.06 10.81 3.27
N ALA A 163 -4.90 10.79 3.92
CA ALA A 163 -3.85 11.78 3.69
C ALA A 163 -3.25 11.65 2.30
N VAL A 164 -3.04 10.41 1.84
CA VAL A 164 -2.29 10.17 0.61
C VAL A 164 -3.23 10.25 -0.60
N GLY A 165 -4.46 9.74 -0.48
CA GLY A 165 -5.42 9.79 -1.57
C GLY A 165 -5.75 8.41 -2.16
N ALA A 166 -6.46 8.44 -3.30
CA ALA A 166 -7.18 7.31 -3.83
C ALA A 166 -6.44 6.74 -5.03
N ASP A 167 -6.54 5.41 -5.18
CA ASP A 167 -5.98 4.64 -6.30
C ASP A 167 -4.48 4.88 -6.47
N VAL A 168 -3.80 5.08 -5.34
CA VAL A 168 -2.34 5.13 -5.32
C VAL A 168 -1.86 4.19 -4.21
N PRO A 169 -2.17 2.87 -4.34
CA PRO A 169 -1.88 1.91 -3.27
C PRO A 169 -0.41 1.83 -2.90
N ALA A 170 0.48 1.92 -3.89
CA ALA A 170 1.92 1.88 -3.58
C ALA A 170 2.31 3.02 -2.64
N ALA A 171 1.78 4.23 -2.89
CA ALA A 171 2.03 5.38 -2.03
C ALA A 171 1.47 5.20 -0.62
N VAL A 172 0.24 4.71 -0.52
CA VAL A 172 -0.38 4.51 0.79
C VAL A 172 0.37 3.44 1.56
N ARG A 173 0.70 2.33 0.90
CA ARG A 173 1.43 1.26 1.57
C ARG A 173 2.73 1.79 2.17
N GLU A 174 3.45 2.60 1.42
CA GLU A 174 4.75 3.12 1.85
C GLU A 174 4.57 4.10 3.03
N PHE A 175 3.54 4.94 2.98
CA PHE A 175 3.34 5.93 4.02
C PHE A 175 2.89 5.26 5.32
N SER A 176 2.07 4.20 5.20
CA SER A 176 1.70 3.38 6.35
C SER A 176 2.96 2.78 6.97
N ARG A 177 3.86 2.29 6.12
CA ARG A 177 5.08 1.64 6.62
C ARG A 177 5.89 2.61 7.46
N THR A 178 6.10 3.84 6.99
CA THR A 178 6.93 4.77 7.73
C THR A 178 6.22 5.33 8.96
N LEU A 179 4.88 5.54 8.92
CA LEU A 179 4.15 5.95 10.13
C LEU A 179 4.25 4.89 11.25
N PHE A 180 4.10 3.62 10.89
CA PHE A 180 4.14 2.51 11.84
C PHE A 180 5.56 2.39 12.37
N ASN A 181 6.56 2.87 11.63
CA ASN A 181 7.93 2.83 12.11
C ASN A 181 8.22 3.88 13.17
N MET A 182 7.43 4.96 13.22
CA MET A 182 7.68 5.96 14.22
C MET A 182 7.16 5.47 15.56
N ARG A 183 7.90 5.78 16.61
CA ARG A 183 7.42 5.55 17.97
C ARG A 183 6.17 6.39 18.16
N PRO A 184 5.06 5.79 18.67
CA PRO A 184 3.82 6.52 18.86
C PRO A 184 3.94 7.84 19.61
N ASP A 185 4.74 7.85 20.68
CA ASP A 185 4.88 9.05 21.52
C ASP A 185 5.64 10.15 20.78
N ILE A 186 6.61 9.75 19.95
CA ILE A 186 7.34 10.72 19.14
C ILE A 186 6.37 11.33 18.12
N SER A 187 5.58 10.49 17.45
CA SER A 187 4.59 10.97 16.48
C SER A 187 3.66 12.02 17.06
N LEU A 188 3.10 11.70 18.22
CA LEU A 188 2.20 12.61 18.90
C LEU A 188 2.94 13.89 19.26
N PHE A 189 4.13 13.76 19.84
CA PHE A 189 4.84 14.95 20.31
C PHE A 189 5.22 15.89 19.17
N VAL A 190 5.67 15.32 18.06
CA VAL A 190 5.99 16.13 16.90
C VAL A 190 4.75 16.81 16.35
N SER A 191 3.60 16.11 16.35
CA SER A 191 2.36 16.70 15.90
C SER A 191 2.01 17.90 16.75
N ARG A 192 2.12 17.74 18.07
CA ARG A 192 1.79 18.83 18.97
C ARG A 192 2.67 20.04 18.66
N THR A 193 3.99 19.81 18.54
CA THR A 193 4.94 20.86 18.23
C THR A 193 4.50 21.62 16.98
N VAL A 194 4.18 20.90 15.91
CA VAL A 194 3.84 21.54 14.65
C VAL A 194 2.58 22.37 14.81
N PHE A 195 1.57 21.83 15.52
CA PHE A 195 0.31 22.52 15.69
C PHE A 195 0.47 23.73 16.62
N ASN A 196 1.52 23.77 17.44
CA ASN A 196 1.73 24.95 18.26
C ASN A 196 2.67 25.95 17.59
N SER A 197 2.99 25.75 16.31
CA SER A 197 3.89 26.66 15.62
C SER A 197 3.06 27.71 14.88
N ASP A 198 3.58 28.93 14.80
CA ASP A 198 2.94 29.97 14.00
C ASP A 198 4.02 30.83 13.39
N LEU A 199 4.19 30.69 12.06
CA LEU A 199 5.24 31.35 11.32
C LEU A 199 4.75 32.63 10.67
N ARG A 200 3.47 32.95 10.77
CA ARG A 200 2.90 34.04 9.98
C ARG A 200 3.53 35.39 10.34
N GLY A 201 4.02 35.50 11.58
CA GLY A 201 4.68 36.69 12.08
C GLY A 201 5.99 36.99 11.34
N VAL A 202 6.67 35.99 10.77
CA VAL A 202 8.02 36.20 10.23
C VAL A 202 8.09 35.97 8.72
N LEU A 203 6.95 35.75 8.03
CA LEU A 203 7.00 35.41 6.62
C LEU A 203 7.58 36.54 5.79
N GLY A 204 7.25 37.79 6.16
CA GLY A 204 7.74 38.96 5.46
C GLY A 204 9.27 39.06 5.53
N LEU A 205 9.90 38.34 6.46
CA LEU A 205 11.35 38.42 6.62
C LEU A 205 12.10 37.49 5.68
N VAL A 206 11.39 36.56 5.02
CA VAL A 206 12.03 35.67 4.07
C VAL A 206 12.47 36.50 2.88
N ARG A 207 13.70 36.29 2.41
CA ARG A 207 14.26 37.03 1.30
C ARG A 207 14.58 36.13 0.12
N VAL A 208 14.70 34.83 0.37
CA VAL A 208 15.07 33.87 -0.66
C VAL A 208 13.90 33.69 -1.63
N PRO A 209 14.16 33.53 -2.95
CA PRO A 209 13.09 33.15 -3.88
C PRO A 209 12.48 31.82 -3.46
N THR A 210 11.16 31.74 -3.52
CA THR A 210 10.46 30.59 -3.00
C THR A 210 9.44 30.12 -4.04
N CYS A 211 9.33 28.80 -4.19
CA CYS A 211 8.24 28.18 -4.92
C CYS A 211 7.36 27.39 -3.96
N VAL A 212 6.08 27.75 -3.92
CA VAL A 212 5.13 27.01 -3.11
C VAL A 212 4.41 26.02 -4.02
N ILE A 213 4.55 24.73 -3.70
CA ILE A 213 3.85 23.69 -4.41
C ILE A 213 2.73 23.17 -3.52
N GLN A 214 1.50 23.19 -4.04
CA GLN A 214 0.39 22.57 -3.34
C GLN A 214 -0.24 21.51 -4.23
N THR A 215 -0.94 20.56 -3.61
CA THR A 215 -1.77 19.64 -4.34
C THR A 215 -3.19 20.17 -4.33
N ALA A 216 -4.08 19.48 -5.05
CA ALA A 216 -5.46 19.86 -5.26
C ALA A 216 -6.25 19.77 -3.97
N LYS A 217 -5.97 18.78 -3.13
CA LYS A 217 -6.74 18.58 -1.91
C LYS A 217 -5.82 17.92 -0.90
N ASP A 218 -5.36 18.74 0.04
CA ASP A 218 -4.45 18.32 1.09
C ASP A 218 -5.21 18.44 2.42
N VAL A 219 -5.35 17.35 3.17
CA VAL A 219 -6.21 17.34 4.35
C VAL A 219 -5.63 18.25 5.44
N SER A 220 -4.35 18.64 5.30
CA SER A 220 -3.71 19.45 6.32
C SER A 220 -3.50 20.90 5.87
N VAL A 221 -3.70 21.21 4.58
CA VAL A 221 -3.40 22.55 4.06
C VAL A 221 -4.54 22.99 3.13
N PRO A 222 -5.47 23.85 3.59
CA PRO A 222 -6.48 24.45 2.70
C PRO A 222 -5.86 25.12 1.49
N ALA A 223 -6.62 25.13 0.39
CA ALA A 223 -6.20 25.73 -0.85
C ALA A 223 -5.89 27.23 -0.67
N SER A 224 -6.61 27.89 0.25
CA SER A 224 -6.44 29.33 0.46
C SER A 224 -5.05 29.67 1.01
N VAL A 225 -4.32 28.69 1.56
CA VAL A 225 -3.03 28.95 2.20
C VAL A 225 -1.99 29.35 1.17
N ALA A 226 -2.07 28.82 -0.05
CA ALA A 226 -1.07 29.11 -1.05
C ALA A 226 -1.11 30.59 -1.44
N GLU A 227 -2.32 31.14 -1.59
CA GLU A 227 -2.45 32.55 -1.96
C GLU A 227 -2.14 33.45 -0.77
N TYR A 228 -2.34 32.97 0.46
CA TYR A 228 -1.88 33.69 1.64
C TYR A 228 -0.35 33.81 1.57
N LEU A 229 0.31 32.69 1.27
CA LEU A 229 1.75 32.67 1.25
C LEU A 229 2.29 33.63 0.19
N ARG A 230 1.63 33.67 -0.97
CA ARG A 230 2.07 34.51 -2.06
C ARG A 230 1.97 35.98 -1.62
N SER A 231 0.90 36.31 -0.90
CA SER A 231 0.70 37.67 -0.44
C SER A 231 1.57 37.99 0.78
N HIS A 232 2.11 37.01 1.52
CA HIS A 232 2.79 37.29 2.79
C HIS A 232 4.29 36.98 2.84
N LEU A 233 4.83 36.15 1.94
CA LEU A 233 6.25 35.82 1.93
C LEU A 233 7.04 37.00 1.39
N GLY A 234 8.21 37.25 1.95
CA GLY A 234 8.98 38.44 1.59
C GLY A 234 9.87 38.27 0.36
N GLY A 235 10.03 37.03 -0.13
CA GLY A 235 10.85 36.86 -1.32
C GLY A 235 10.01 36.97 -2.60
N ASP A 236 10.64 36.79 -3.74
CA ASP A 236 9.91 36.53 -4.97
C ASP A 236 9.30 35.13 -4.86
N THR A 237 7.97 35.02 -4.93
CA THR A 237 7.30 33.77 -4.65
C THR A 237 6.38 33.44 -5.81
N THR A 238 6.38 32.16 -6.18
CA THR A 238 5.39 31.62 -7.08
C THR A 238 4.70 30.44 -6.41
N VAL A 239 3.49 30.15 -6.90
CA VAL A 239 2.66 29.03 -6.49
C VAL A 239 2.47 28.10 -7.69
N GLU A 240 2.69 26.81 -7.49
CA GLU A 240 2.41 25.80 -8.49
C GLU A 240 1.41 24.84 -7.87
N THR A 241 0.42 24.41 -8.66
CA THR A 241 -0.59 23.51 -8.14
C THR A 241 -0.49 22.20 -8.91
N LEU A 242 -0.34 21.10 -8.18
CA LEU A 242 -0.35 19.83 -8.84
C LEU A 242 -1.79 19.46 -9.16
N LYS A 243 -1.99 18.88 -10.34
CA LYS A 243 -3.29 18.41 -10.77
C LYS A 243 -3.39 16.99 -10.26
N THR A 244 -3.60 16.86 -8.94
CA THR A 244 -3.54 15.61 -8.22
C THR A 244 -3.77 15.90 -6.73
N GLU A 245 -4.49 15.06 -6.03
CA GLU A 245 -4.75 15.26 -4.62
C GLU A 245 -3.73 14.52 -3.75
N GLY A 246 -3.72 14.89 -2.47
CA GLY A 246 -3.00 14.13 -1.46
C GLY A 246 -1.92 15.00 -0.84
N HIS A 247 -1.34 14.50 0.25
CA HIS A 247 -0.35 15.22 1.03
C HIS A 247 1.09 14.85 0.67
N LEU A 248 1.30 13.71 -0.03
CA LEU A 248 2.62 13.14 -0.28
C LEU A 248 2.84 12.94 -1.77
N PRO A 249 2.86 14.00 -2.60
CA PRO A 249 3.01 13.83 -4.05
C PRO A 249 4.32 13.18 -4.47
N GLN A 250 5.35 13.26 -3.62
CA GLN A 250 6.62 12.63 -3.92
C GLN A 250 6.45 11.10 -4.03
N LEU A 251 5.36 10.57 -3.47
CA LEU A 251 5.05 9.14 -3.57
C LEU A 251 3.86 8.91 -4.51
N SER A 252 2.86 9.80 -4.45
CA SER A 252 1.62 9.57 -5.17
C SER A 252 1.68 10.08 -6.61
N ALA A 253 2.47 11.13 -6.91
CA ALA A 253 2.58 11.69 -8.26
C ALA A 253 4.02 12.09 -8.56
N PRO A 254 4.99 11.15 -8.50
CA PRO A 254 6.41 11.53 -8.60
C PRO A 254 6.80 12.18 -9.92
N ALA A 255 6.15 11.75 -11.02
CA ALA A 255 6.46 12.29 -12.35
C ALA A 255 6.04 13.75 -12.43
N GLN A 256 4.83 14.08 -12.00
CA GLN A 256 4.42 15.48 -12.01
C GLN A 256 5.28 16.30 -11.05
N LEU A 257 5.61 15.78 -9.87
CA LEU A 257 6.32 16.58 -8.88
C LEU A 257 7.71 16.91 -9.44
N ALA A 258 8.37 15.88 -9.97
CA ALA A 258 9.71 16.01 -10.55
C ALA A 258 9.73 17.02 -11.69
N GLN A 259 8.68 17.01 -12.51
CA GLN A 259 8.53 18.00 -13.56
C GLN A 259 8.44 19.41 -12.97
N PHE A 260 7.62 19.59 -11.92
CA PHE A 260 7.51 20.89 -11.27
C PHE A 260 8.88 21.32 -10.71
N LEU A 261 9.59 20.40 -10.04
CA LEU A 261 10.91 20.68 -9.47
C LEU A 261 11.91 21.08 -10.55
N ARG A 262 11.91 20.36 -11.68
CA ARG A 262 12.81 20.60 -12.80
C ARG A 262 12.57 22.01 -13.37
N ARG A 263 11.33 22.49 -13.33
CA ARG A 263 11.03 23.84 -13.74
C ARG A 263 11.56 24.85 -12.73
N ALA A 264 11.44 24.56 -11.43
CA ALA A 264 11.62 25.55 -10.41
C ALA A 264 13.06 25.63 -9.91
N LEU A 265 13.83 24.55 -10.04
CA LEU A 265 15.14 24.53 -9.42
C LEU A 265 16.15 25.38 -10.20
N PRO A 266 17.10 26.05 -9.51
CA PRO A 266 18.22 26.66 -10.21
C PRO A 266 18.96 25.56 -10.97
N ARG A 267 19.38 25.88 -12.19
CA ARG A 267 20.00 24.96 -13.14
C ARG A 267 19.06 23.80 -13.49
N GLN B 3 -6.63 -5.87 13.86
CA GLN B 3 -7.43 -5.24 12.76
C GLN B 3 -6.62 -4.13 12.08
N HIS B 4 -5.74 -3.45 12.83
CA HIS B 4 -5.20 -2.17 12.38
C HIS B 4 -3.91 -2.36 11.57
N ASN B 5 -3.18 -3.48 11.79
CA ASN B 5 -1.83 -3.67 11.25
C ASN B 5 -1.84 -4.65 10.06
N ILE B 6 -2.96 -4.68 9.34
CA ILE B 6 -3.23 -5.73 8.37
C ILE B 6 -2.26 -5.69 7.19
N LEU B 7 -1.83 -4.49 6.78
CA LEU B 7 -0.94 -4.36 5.64
C LEU B 7 0.38 -5.10 5.88
N GLU B 8 0.88 -5.02 7.12
CA GLU B 8 2.09 -5.74 7.50
C GLU B 8 1.77 -7.21 7.77
N ALA B 9 0.68 -7.48 8.52
CA ALA B 9 0.37 -8.83 8.94
C ALA B 9 0.20 -9.78 7.75
N LEU B 10 -0.46 -9.30 6.68
CA LEU B 10 -0.75 -10.16 5.55
C LEU B 10 0.19 -9.88 4.38
N ASN B 11 1.34 -9.27 4.65
CA ASN B 11 2.43 -9.18 3.70
C ASN B 11 1.99 -8.50 2.39
N VAL B 12 1.31 -7.37 2.52
CA VAL B 12 0.77 -6.69 1.36
C VAL B 12 1.94 -6.02 0.65
N ARG B 13 1.96 -6.21 -0.67
CA ARG B 13 3.00 -5.61 -1.49
C ARG B 13 2.37 -5.11 -2.79
N VAL B 14 2.87 -3.97 -3.26
CA VAL B 14 2.40 -3.36 -4.49
C VAL B 14 3.61 -3.24 -5.41
N VAL B 15 3.48 -3.69 -6.66
CA VAL B 15 4.54 -3.61 -7.65
C VAL B 15 3.92 -3.17 -8.98
N GLY B 16 4.77 -2.86 -9.97
CA GLY B 16 4.29 -2.51 -11.30
C GLY B 16 4.16 -0.99 -11.41
N THR B 17 3.31 -0.50 -12.32
CA THR B 17 3.38 0.89 -12.76
C THR B 17 1.98 1.36 -13.09
N GLY B 18 1.79 2.68 -12.98
CA GLY B 18 0.58 3.31 -13.48
C GLY B 18 -0.56 3.15 -12.48
N ASP B 19 -1.78 3.31 -13.00
CA ASP B 19 -2.95 3.43 -12.14
C ASP B 19 -4.00 2.41 -12.55
N ARG B 20 -3.63 1.41 -13.35
CA ARG B 20 -4.53 0.30 -13.67
C ARG B 20 -4.27 -0.79 -12.61
N ILE B 21 -5.16 -0.89 -11.62
CA ILE B 21 -4.87 -1.68 -10.43
C ILE B 21 -5.42 -3.09 -10.62
N LEU B 22 -4.51 -4.05 -10.41
CA LEU B 22 -4.77 -5.47 -10.53
C LEU B 22 -4.40 -6.10 -9.19
N PHE B 23 -5.41 -6.72 -8.58
CA PHE B 23 -5.27 -7.44 -7.35
C PHE B 23 -5.15 -8.93 -7.68
N LEU B 24 -4.05 -9.58 -7.24
CA LEU B 24 -3.88 -11.03 -7.39
C LEU B 24 -3.98 -11.67 -6.00
N ALA B 25 -4.95 -12.57 -5.85
CA ALA B 25 -5.30 -13.23 -4.60
C ALA B 25 -5.15 -14.74 -4.75
N HIS B 26 -4.16 -15.30 -4.04
CA HIS B 26 -3.79 -16.70 -4.16
C HIS B 26 -4.83 -17.59 -3.47
N GLY B 27 -4.73 -18.91 -3.73
CA GLY B 27 -5.66 -19.87 -3.21
C GLY B 27 -5.05 -20.75 -2.12
N PHE B 28 -5.77 -21.81 -1.77
CA PHE B 28 -5.44 -22.67 -0.65
C PHE B 28 -4.09 -23.34 -0.88
N GLY B 29 -3.23 -23.31 0.12
CA GLY B 29 -2.01 -24.10 0.06
C GLY B 29 -0.82 -23.37 -0.53
N THR B 30 -1.04 -22.13 -1.01
CA THR B 30 0.01 -21.29 -1.58
C THR B 30 0.10 -20.02 -0.73
N ASP B 31 0.96 -19.10 -1.17
CA ASP B 31 0.90 -17.71 -0.77
C ASP B 31 1.05 -16.87 -2.04
N GLN B 32 1.33 -15.57 -1.89
CA GLN B 32 1.37 -14.65 -3.03
C GLN B 32 2.48 -15.03 -4.02
N SER B 33 3.48 -15.80 -3.56
CA SER B 33 4.60 -16.18 -4.39
C SER B 33 4.14 -17.12 -5.52
N ALA B 34 2.96 -17.73 -5.40
CA ALA B 34 2.38 -18.50 -6.50
C ALA B 34 2.17 -17.67 -7.77
N TRP B 35 2.12 -16.32 -7.66
CA TRP B 35 1.93 -15.45 -8.81
C TRP B 35 3.27 -15.05 -9.44
N HIS B 36 4.42 -15.46 -8.88
CA HIS B 36 5.69 -14.92 -9.34
C HIS B 36 5.98 -15.22 -10.80
N LEU B 37 5.47 -16.32 -11.38
CA LEU B 37 5.79 -16.62 -12.75
C LEU B 37 4.97 -15.76 -13.72
N ILE B 38 3.74 -15.34 -13.35
CA ILE B 38 2.92 -14.59 -14.30
C ILE B 38 3.13 -13.09 -14.12
N LEU B 39 3.68 -12.67 -12.98
CA LEU B 39 3.74 -11.27 -12.59
C LEU B 39 4.50 -10.43 -13.62
N PRO B 40 5.62 -10.91 -14.21
CA PRO B 40 6.35 -10.13 -15.21
C PRO B 40 5.53 -9.75 -16.44
N TYR B 41 4.46 -10.50 -16.72
CA TYR B 41 3.59 -10.17 -17.83
C TYR B 41 2.69 -8.98 -17.54
N PHE B 42 2.63 -8.50 -16.30
CA PHE B 42 1.62 -7.52 -15.93
C PHE B 42 2.25 -6.23 -15.39
N THR B 43 3.51 -6.25 -14.93
CA THR B 43 4.00 -5.17 -14.08
C THR B 43 4.33 -3.92 -14.90
N GLN B 44 4.37 -4.04 -16.24
CA GLN B 44 4.60 -2.90 -17.12
C GLN B 44 3.32 -2.09 -17.32
N ASN B 45 2.16 -2.75 -17.34
CA ASN B 45 0.91 -2.11 -17.71
C ASN B 45 -0.04 -1.99 -16.53
N TYR B 46 0.28 -2.61 -15.39
CA TYR B 46 -0.66 -2.66 -14.27
C TYR B 46 0.07 -2.35 -12.97
N ARG B 47 -0.69 -1.81 -12.01
CA ARG B 47 -0.24 -1.68 -10.64
C ARG B 47 -0.75 -2.89 -9.85
N VAL B 48 0.18 -3.77 -9.50
CA VAL B 48 -0.20 -5.10 -9.04
C VAL B 48 -0.13 -5.17 -7.51
N VAL B 49 -1.27 -5.52 -6.91
CA VAL B 49 -1.40 -5.67 -5.47
C VAL B 49 -1.48 -7.15 -5.11
N LEU B 50 -0.64 -7.56 -4.16
CA LEU B 50 -0.53 -8.94 -3.71
C LEU B 50 -0.72 -8.93 -2.19
N TYR B 51 -1.37 -9.97 -1.67
CA TYR B 51 -1.37 -10.24 -0.25
C TYR B 51 -1.40 -11.75 -0.02
N ASP B 52 -1.18 -12.09 1.26
CA ASP B 52 -1.28 -13.45 1.76
C ASP B 52 -2.54 -13.55 2.60
N LEU B 53 -3.34 -14.61 2.34
CA LEU B 53 -4.46 -14.97 3.20
C LEU B 53 -3.90 -15.28 4.58
N VAL B 54 -4.73 -15.11 5.61
CA VAL B 54 -4.32 -15.31 6.98
C VAL B 54 -3.82 -16.73 7.22
N CYS B 55 -4.33 -17.69 6.45
CA CYS B 55 -3.94 -19.09 6.57
C CYS B 55 -2.61 -19.42 5.85
N ALA B 56 -2.06 -18.48 5.07
CA ALA B 56 -0.79 -18.73 4.37
C ALA B 56 0.31 -19.06 5.38
N GLY B 57 1.26 -19.88 4.92
CA GLY B 57 2.37 -20.28 5.79
C GLY B 57 3.39 -19.17 5.98
N SER B 58 3.38 -18.21 5.05
CA SER B 58 4.15 -16.96 5.14
C SER B 58 3.60 -15.98 6.18
N VAL B 59 2.45 -16.27 6.79
CA VAL B 59 1.85 -15.36 7.77
C VAL B 59 2.05 -15.96 9.16
N ASN B 60 2.30 -15.10 10.16
CA ASN B 60 2.45 -15.57 11.52
C ASN B 60 1.22 -16.40 11.91
N PRO B 61 1.37 -17.68 12.31
CA PRO B 61 0.20 -18.50 12.67
C PRO B 61 -0.57 -18.02 13.90
N ASP B 62 0.03 -17.13 14.71
CA ASP B 62 -0.72 -16.54 15.81
C ASP B 62 -1.83 -15.63 15.30
N TYR B 63 -1.77 -15.25 14.01
CA TYR B 63 -2.84 -14.42 13.46
C TYR B 63 -4.06 -15.27 13.16
N PHE B 64 -3.91 -16.60 13.07
CA PHE B 64 -5.08 -17.45 12.69
C PHE B 64 -5.97 -17.68 13.92
N ASP B 65 -7.05 -16.92 14.02
CA ASP B 65 -8.00 -17.08 15.15
C ASP B 65 -9.09 -18.09 14.76
N PHE B 66 -9.04 -19.27 15.35
CA PHE B 66 -10.01 -20.34 15.05
C PHE B 66 -11.43 -19.92 15.44
N ASN B 67 -11.59 -19.04 16.42
CA ASN B 67 -12.93 -18.55 16.85
C ASN B 67 -13.53 -17.58 15.82
N ARG B 68 -12.69 -17.01 14.94
CA ARG B 68 -13.17 -16.01 13.97
C ARG B 68 -13.29 -16.63 12.57
N TYR B 69 -12.25 -17.30 12.09
CA TYR B 69 -12.22 -17.82 10.70
C TYR B 69 -13.05 -19.11 10.59
N THR B 70 -14.36 -19.00 10.87
CA THR B 70 -15.27 -20.14 10.85
C THR B 70 -16.01 -20.17 9.54
N THR B 71 -16.09 -19.04 8.83
CA THR B 71 -16.72 -18.96 7.50
C THR B 71 -15.82 -18.18 6.56
N LEU B 72 -16.27 -17.96 5.32
CA LEU B 72 -15.52 -17.16 4.34
C LEU B 72 -15.67 -15.66 4.65
N ASP B 73 -16.70 -15.28 5.40
CA ASP B 73 -16.99 -13.85 5.69
C ASP B 73 -15.80 -13.10 6.31
N PRO B 74 -15.12 -13.57 7.37
CA PRO B 74 -13.93 -12.88 7.88
C PRO B 74 -12.80 -12.73 6.87
N TYR B 75 -12.68 -13.69 5.95
CA TYR B 75 -11.67 -13.59 4.86
C TYR B 75 -12.04 -12.43 3.92
N VAL B 76 -13.34 -12.29 3.63
CA VAL B 76 -13.82 -11.16 2.80
C VAL B 76 -13.55 -9.85 3.57
N ASP B 77 -13.75 -9.86 4.87
CA ASP B 77 -13.46 -8.68 5.72
C ASP B 77 -11.98 -8.29 5.55
N ASP B 78 -11.10 -9.27 5.59
CA ASP B 78 -9.63 -9.03 5.44
C ASP B 78 -9.34 -8.42 4.07
N LEU B 79 -9.96 -8.98 3.03
CA LEU B 79 -9.70 -8.49 1.65
C LEU B 79 -10.17 -7.05 1.55
N LEU B 80 -11.40 -6.80 2.02
CA LEU B 80 -11.93 -5.46 1.92
C LEU B 80 -11.13 -4.50 2.81
N ASN B 81 -10.65 -4.98 3.95
CA ASN B 81 -9.82 -4.18 4.82
C ASN B 81 -8.57 -3.72 4.06
N ILE B 82 -7.91 -4.67 3.37
CA ILE B 82 -6.71 -4.35 2.61
C ILE B 82 -7.02 -3.32 1.52
N VAL B 83 -8.07 -3.55 0.76
CA VAL B 83 -8.47 -2.65 -0.32
C VAL B 83 -8.69 -1.24 0.24
N ASP B 84 -9.44 -1.14 1.33
CA ASP B 84 -9.77 0.13 1.93
C ASP B 84 -8.54 0.79 2.54
N SER B 85 -7.70 -0.02 3.20
CA SER B 85 -6.47 0.43 3.81
C SER B 85 -5.49 1.02 2.80
N LEU B 86 -5.59 0.63 1.52
CA LEU B 86 -4.69 1.07 0.47
C LEU B 86 -5.32 2.22 -0.32
N GLY B 87 -6.57 2.57 0.01
CA GLY B 87 -7.33 3.62 -0.64
C GLY B 87 -7.74 3.24 -2.05
N ILE B 88 -7.84 1.92 -2.33
CA ILE B 88 -8.20 1.51 -3.68
C ILE B 88 -9.72 1.66 -3.86
N GLN B 89 -10.15 2.32 -4.94
CA GLN B 89 -11.57 2.53 -5.19
C GLN B 89 -12.06 1.70 -6.37
N ASN B 90 -11.15 1.31 -7.27
CA ASN B 90 -11.53 0.44 -8.37
C ASN B 90 -10.33 -0.42 -8.78
N CYS B 91 -10.57 -1.71 -9.01
CA CYS B 91 -9.51 -2.58 -9.46
C CYS B 91 -10.11 -3.79 -10.18
N ALA B 92 -9.28 -4.47 -10.98
CA ALA B 92 -9.61 -5.81 -11.46
C ALA B 92 -9.09 -6.85 -10.46
N TYR B 93 -9.78 -7.98 -10.33
CA TYR B 93 -9.45 -8.92 -9.28
C TYR B 93 -9.31 -10.31 -9.89
N VAL B 94 -8.18 -10.94 -9.62
CA VAL B 94 -7.96 -12.32 -9.99
C VAL B 94 -7.84 -13.13 -8.71
N GLY B 95 -8.73 -14.11 -8.55
CA GLY B 95 -8.73 -15.00 -7.40
C GLY B 95 -8.65 -16.47 -7.83
N HIS B 96 -7.76 -17.21 -7.16
CA HIS B 96 -7.63 -18.65 -7.33
C HIS B 96 -8.38 -19.37 -6.22
N SER B 97 -9.23 -20.34 -6.59
CA SER B 97 -9.89 -21.26 -5.66
C SER B 97 -10.56 -20.51 -4.51
N VAL B 98 -10.09 -20.65 -3.27
CA VAL B 98 -10.79 -20.01 -2.16
C VAL B 98 -10.84 -18.49 -2.34
N SER B 99 -9.82 -17.87 -2.97
CA SER B 99 -9.85 -16.43 -3.25
C SER B 99 -10.85 -16.09 -4.36
N ALA B 100 -11.22 -17.07 -5.21
CA ALA B 100 -12.32 -16.87 -6.12
C ALA B 100 -13.63 -16.76 -5.33
N MET B 101 -13.76 -17.62 -4.31
CA MET B 101 -14.98 -17.67 -3.50
C MET B 101 -15.10 -16.35 -2.74
N ILE B 102 -13.97 -15.87 -2.23
CA ILE B 102 -13.91 -14.65 -1.42
C ILE B 102 -14.28 -13.43 -2.27
N GLY B 103 -13.75 -13.38 -3.48
CA GLY B 103 -13.99 -12.31 -4.43
C GLY B 103 -15.45 -12.22 -4.86
N ILE B 104 -16.08 -13.37 -5.12
CA ILE B 104 -17.52 -13.39 -5.41
C ILE B 104 -18.27 -12.64 -4.30
N ILE B 105 -18.08 -13.07 -3.06
CA ILE B 105 -18.81 -12.47 -1.94
C ILE B 105 -18.43 -10.98 -1.83
N ALA B 106 -17.12 -10.67 -1.92
CA ALA B 106 -16.67 -9.28 -1.83
C ALA B 106 -17.36 -8.39 -2.88
N SER B 107 -17.50 -8.90 -4.11
CA SER B 107 -18.13 -8.16 -5.20
C SER B 107 -19.60 -7.86 -4.90
N ILE B 108 -20.30 -8.76 -4.22
CA ILE B 108 -21.70 -8.58 -3.84
C ILE B 108 -21.82 -7.50 -2.77
N ARG B 109 -20.95 -7.52 -1.77
CA ARG B 109 -20.94 -6.48 -0.77
C ARG B 109 -20.54 -5.14 -1.38
N ARG B 110 -19.61 -5.15 -2.34
CA ARG B 110 -19.00 -3.93 -2.83
C ARG B 110 -19.04 -3.94 -4.36
N PRO B 111 -20.25 -3.87 -4.97
CA PRO B 111 -20.41 -4.00 -6.43
C PRO B 111 -19.65 -3.00 -7.28
N GLU B 112 -19.33 -1.83 -6.75
CA GLU B 112 -18.62 -0.81 -7.52
C GLU B 112 -17.09 -0.95 -7.46
N LEU B 113 -16.56 -1.81 -6.59
CA LEU B 113 -15.12 -1.88 -6.35
C LEU B 113 -14.39 -2.57 -7.50
N PHE B 114 -15.00 -3.62 -8.07
CA PHE B 114 -14.34 -4.46 -9.06
C PHE B 114 -14.89 -4.16 -10.45
N SER B 115 -13.96 -3.84 -11.36
CA SER B 115 -14.24 -3.68 -12.77
C SER B 115 -14.47 -5.04 -13.44
N LYS B 116 -13.77 -6.07 -12.93
CA LYS B 116 -13.89 -7.41 -13.45
C LYS B 116 -13.37 -8.39 -12.42
N LEU B 117 -14.02 -9.55 -12.31
CA LEU B 117 -13.52 -10.71 -11.57
C LEU B 117 -13.00 -11.75 -12.54
N ILE B 118 -11.77 -12.21 -12.32
CA ILE B 118 -11.27 -13.37 -13.02
C ILE B 118 -11.05 -14.47 -11.98
N LEU B 119 -11.75 -15.59 -12.18
CA LEU B 119 -11.83 -16.68 -11.21
C LEU B 119 -11.20 -17.94 -11.80
N ILE B 120 -10.18 -18.44 -11.14
CA ILE B 120 -9.38 -19.57 -11.58
C ILE B 120 -9.63 -20.72 -10.62
N GLY B 121 -9.91 -21.91 -11.15
CA GLY B 121 -10.03 -23.09 -10.33
C GLY B 121 -11.16 -22.93 -9.31
N PHE B 122 -12.27 -22.36 -9.77
CA PHE B 122 -13.33 -21.88 -8.89
C PHE B 122 -14.49 -22.86 -8.92
N SER B 123 -14.94 -23.23 -7.71
CA SER B 123 -16.15 -24.00 -7.50
C SER B 123 -17.02 -23.33 -6.44
N PRO B 124 -18.34 -23.20 -6.69
CA PRO B 124 -19.26 -22.63 -5.70
C PRO B 124 -19.64 -23.62 -4.60
N ARG B 125 -19.34 -24.90 -4.80
CA ARG B 125 -19.69 -25.94 -3.83
C ARG B 125 -19.03 -27.25 -4.25
N PHE B 126 -18.26 -27.86 -3.35
CA PHE B 126 -17.50 -29.05 -3.69
C PHE B 126 -18.37 -30.31 -3.52
N LEU B 127 -19.26 -30.28 -2.53
CA LEU B 127 -20.10 -31.44 -2.23
C LEU B 127 -21.18 -31.58 -3.30
N ASN B 128 -21.39 -32.83 -3.72
CA ASN B 128 -22.52 -33.22 -4.55
C ASN B 128 -23.82 -32.93 -3.80
N ASP B 129 -24.86 -32.64 -4.58
CA ASP B 129 -26.19 -32.35 -4.06
C ASP B 129 -27.21 -32.88 -5.06
N GLU B 130 -28.47 -32.90 -4.64
CA GLU B 130 -29.57 -33.56 -5.33
C GLU B 130 -29.45 -33.43 -6.85
N ASP B 131 -29.32 -32.21 -7.37
CA ASP B 131 -29.22 -32.04 -8.82
C ASP B 131 -27.88 -31.42 -9.22
N TYR B 132 -26.84 -31.56 -8.39
CA TYR B 132 -25.64 -30.75 -8.51
C TYR B 132 -24.40 -31.63 -8.33
N HIS B 133 -23.46 -31.55 -9.28
CA HIS B 133 -22.21 -32.29 -9.26
C HIS B 133 -21.06 -31.38 -8.84
N GLY B 134 -20.65 -31.46 -7.57
CA GLY B 134 -19.51 -30.72 -7.04
C GLY B 134 -18.22 -31.51 -7.18
N GLY B 135 -18.33 -32.84 -7.13
CA GLY B 135 -17.18 -33.70 -7.30
C GLY B 135 -16.87 -34.52 -6.06
N PHE B 136 -17.51 -34.21 -4.92
CA PHE B 136 -17.16 -34.87 -3.69
C PHE B 136 -18.39 -35.32 -2.91
N GLU B 137 -18.15 -36.27 -1.99
CA GLU B 137 -19.13 -36.75 -1.02
C GLU B 137 -18.58 -36.57 0.39
N GLU B 138 -19.48 -36.56 1.38
CA GLU B 138 -19.13 -36.25 2.77
C GLU B 138 -18.17 -37.28 3.36
N GLY B 139 -18.47 -38.57 3.15
CA GLY B 139 -17.64 -39.62 3.73
C GLY B 139 -16.25 -39.55 3.12
N GLU B 140 -16.24 -39.24 1.83
CA GLU B 140 -15.00 -39.03 1.11
C GLU B 140 -14.14 -38.00 1.83
N ILE B 141 -14.69 -36.80 2.04
CA ILE B 141 -13.87 -35.72 2.59
C ILE B 141 -13.52 -36.01 4.05
N GLU B 142 -14.37 -36.75 4.77
CA GLU B 142 -14.05 -37.10 6.16
C GLU B 142 -12.76 -37.91 6.21
N LYS B 143 -12.52 -38.77 5.22
CA LYS B 143 -11.30 -39.55 5.19
C LYS B 143 -10.12 -38.65 4.85
N VAL B 144 -10.34 -37.65 4.00
CA VAL B 144 -9.29 -36.69 3.72
C VAL B 144 -8.92 -35.97 5.02
N PHE B 145 -9.90 -35.45 5.75
CA PHE B 145 -9.63 -34.71 6.97
C PHE B 145 -8.94 -35.59 8.03
N SER B 146 -9.30 -36.89 8.08
CA SER B 146 -8.66 -37.83 9.01
C SER B 146 -7.19 -37.99 8.67
N ALA B 147 -6.93 -38.19 7.38
CA ALA B 147 -5.59 -38.31 6.86
C ALA B 147 -4.76 -37.06 7.15
N MET B 148 -5.34 -35.87 6.89
CA MET B 148 -4.64 -34.62 7.12
C MET B 148 -4.26 -34.48 8.59
N GLU B 149 -5.14 -34.95 9.49
CA GLU B 149 -4.90 -34.88 10.93
C GLU B 149 -3.84 -35.92 11.35
N ALA B 150 -3.87 -37.14 10.79
CA ALA B 150 -2.99 -38.22 11.22
C ALA B 150 -1.57 -38.05 10.69
N ASN B 151 -1.39 -37.67 9.43
CA ASN B 151 -0.06 -37.48 8.85
C ASN B 151 -0.21 -36.43 7.75
N TYR B 152 -0.28 -35.16 8.17
CA TYR B 152 -0.47 -34.06 7.24
C TYR B 152 0.51 -34.21 6.08
N GLU B 153 1.77 -34.50 6.43
CA GLU B 153 2.86 -34.46 5.49
C GLU B 153 2.70 -35.55 4.43
N ALA B 154 2.26 -36.73 4.87
CA ALA B 154 1.98 -37.81 3.92
C ALA B 154 0.82 -37.41 2.99
N TRP B 155 -0.19 -36.75 3.54
CA TRP B 155 -1.27 -36.23 2.71
C TRP B 155 -0.71 -35.28 1.63
N VAL B 156 0.18 -34.36 2.01
CA VAL B 156 0.76 -33.41 1.07
C VAL B 156 1.46 -34.15 -0.07
N HIS B 157 2.26 -35.17 0.27
CA HIS B 157 3.00 -35.91 -0.75
C HIS B 157 2.08 -36.59 -1.77
N GLY B 158 0.93 -37.10 -1.35
CA GLY B 158 -0.04 -37.71 -2.26
C GLY B 158 -0.85 -36.67 -3.05
N PHE B 159 -1.17 -35.55 -2.37
CA PHE B 159 -2.14 -34.59 -2.89
C PHE B 159 -1.47 -33.61 -3.86
N ALA B 160 -0.29 -33.08 -3.50
CA ALA B 160 0.37 -32.05 -4.29
C ALA B 160 0.47 -32.44 -5.77
N PRO B 161 1.01 -33.62 -6.11
CA PRO B 161 1.10 -34.00 -7.52
C PRO B 161 -0.26 -34.10 -8.23
N LEU B 162 -1.31 -34.46 -7.49
CA LEU B 162 -2.67 -34.58 -8.03
C LEU B 162 -3.26 -33.22 -8.37
N ALA B 163 -3.01 -32.25 -7.46
CA ALA B 163 -3.41 -30.86 -7.65
C ALA B 163 -2.68 -30.27 -8.86
N VAL B 164 -1.36 -30.48 -8.94
CA VAL B 164 -0.61 -29.94 -10.06
C VAL B 164 -1.08 -30.62 -11.33
N GLY B 165 -1.32 -31.95 -11.27
CA GLY B 165 -2.02 -32.65 -12.34
C GLY B 165 -1.05 -33.00 -13.47
N ALA B 166 -0.63 -31.98 -14.23
CA ALA B 166 0.36 -32.16 -15.27
C ALA B 166 1.67 -32.56 -14.61
N ASP B 167 2.54 -33.18 -15.41
CA ASP B 167 3.81 -33.68 -14.90
C ASP B 167 4.85 -32.57 -14.95
N VAL B 168 4.75 -31.65 -13.99
CA VAL B 168 5.74 -30.59 -13.85
C VAL B 168 6.31 -30.68 -12.42
N PRO B 169 7.36 -31.51 -12.21
CA PRO B 169 7.97 -31.69 -10.89
C PRO B 169 8.33 -30.43 -10.11
N ALA B 170 8.77 -29.36 -10.81
CA ALA B 170 9.11 -28.11 -10.15
C ALA B 170 7.89 -27.44 -9.52
N ALA B 171 6.73 -27.53 -10.19
CA ALA B 171 5.48 -26.99 -9.67
C ALA B 171 5.03 -27.81 -8.46
N VAL B 172 5.17 -29.14 -8.55
CA VAL B 172 4.84 -30.04 -7.46
C VAL B 172 5.67 -29.66 -6.23
N ARG B 173 6.98 -29.47 -6.45
CA ARG B 173 7.87 -29.06 -5.36
C ARG B 173 7.41 -27.74 -4.73
N GLU B 174 7.10 -26.76 -5.58
CA GLU B 174 6.76 -25.42 -5.10
C GLU B 174 5.47 -25.46 -4.30
N PHE B 175 4.44 -26.17 -4.81
CA PHE B 175 3.16 -26.24 -4.11
C PHE B 175 3.33 -27.00 -2.79
N SER B 176 4.10 -28.08 -2.81
CA SER B 176 4.45 -28.82 -1.60
C SER B 176 5.06 -27.92 -0.53
N ARG B 177 5.98 -27.05 -0.96
CA ARG B 177 6.71 -26.19 -0.04
C ARG B 177 5.74 -25.29 0.72
N THR B 178 4.78 -24.67 0.00
CA THR B 178 3.89 -23.74 0.67
C THR B 178 2.86 -24.49 1.53
N LEU B 179 2.47 -25.70 1.11
CA LEU B 179 1.65 -26.57 1.95
C LEU B 179 2.38 -26.96 3.22
N PHE B 180 3.69 -27.26 3.11
CA PHE B 180 4.46 -27.66 4.28
C PHE B 180 4.67 -26.47 5.21
N ASN B 181 4.62 -25.25 4.67
CA ASN B 181 4.83 -24.05 5.47
C ASN B 181 3.61 -23.77 6.33
N MET B 182 2.43 -24.25 5.92
CA MET B 182 1.24 -24.04 6.71
C MET B 182 1.25 -24.95 7.93
N ARG B 183 0.83 -24.42 9.07
CA ARG B 183 0.64 -25.24 10.24
C ARG B 183 -0.50 -26.23 9.97
N PRO B 184 -0.30 -27.55 10.24
CA PRO B 184 -1.28 -28.58 9.86
C PRO B 184 -2.71 -28.36 10.34
N ASP B 185 -2.85 -27.87 11.58
CA ASP B 185 -4.17 -27.60 12.15
C ASP B 185 -4.90 -26.51 11.36
N ILE B 186 -4.15 -25.51 10.89
CA ILE B 186 -4.71 -24.42 10.12
C ILE B 186 -5.14 -24.96 8.75
N SER B 187 -4.29 -25.76 8.08
CA SER B 187 -4.64 -26.31 6.77
C SER B 187 -5.94 -27.09 6.85
N LEU B 188 -6.08 -27.92 7.90
CA LEU B 188 -7.26 -28.75 8.12
C LEU B 188 -8.47 -27.85 8.33
N PHE B 189 -8.31 -26.84 9.18
CA PHE B 189 -9.42 -25.99 9.58
C PHE B 189 -9.96 -25.26 8.35
N VAL B 190 -9.05 -24.72 7.51
CA VAL B 190 -9.42 -23.99 6.30
C VAL B 190 -10.11 -24.91 5.29
N SER B 191 -9.55 -26.13 5.13
CA SER B 191 -10.14 -27.13 4.24
C SER B 191 -11.59 -27.41 4.63
N ARG B 192 -11.85 -27.57 5.94
CA ARG B 192 -13.21 -27.80 6.41
C ARG B 192 -14.13 -26.62 6.10
N THR B 193 -13.60 -25.39 6.32
CA THR B 193 -14.38 -24.19 6.07
C THR B 193 -14.84 -24.14 4.62
N VAL B 194 -13.91 -24.40 3.70
CA VAL B 194 -14.17 -24.31 2.27
C VAL B 194 -15.15 -25.40 1.85
N PHE B 195 -14.94 -26.65 2.30
CA PHE B 195 -15.82 -27.76 1.98
C PHE B 195 -17.21 -27.58 2.58
N ASN B 196 -17.28 -26.82 3.67
CA ASN B 196 -18.57 -26.53 4.25
C ASN B 196 -19.24 -25.33 3.57
N SER B 197 -18.63 -24.72 2.53
CA SER B 197 -19.21 -23.51 1.91
C SER B 197 -20.10 -23.86 0.71
N ASP B 198 -21.09 -22.99 0.50
CA ASP B 198 -22.04 -23.11 -0.60
C ASP B 198 -22.40 -21.71 -1.09
N LEU B 199 -21.91 -21.34 -2.28
CA LEU B 199 -22.16 -20.03 -2.86
C LEU B 199 -23.26 -20.06 -3.91
N ARG B 200 -23.84 -21.24 -4.19
CA ARG B 200 -24.78 -21.33 -5.31
C ARG B 200 -25.95 -20.36 -5.09
N GLY B 201 -26.31 -20.10 -3.83
CA GLY B 201 -27.42 -19.24 -3.49
C GLY B 201 -27.16 -17.76 -3.84
N VAL B 202 -25.91 -17.33 -3.94
CA VAL B 202 -25.61 -15.91 -4.14
C VAL B 202 -25.03 -15.64 -5.54
N LEU B 203 -24.86 -16.67 -6.36
CA LEU B 203 -24.23 -16.46 -7.69
C LEU B 203 -25.06 -15.47 -8.53
N GLY B 204 -26.39 -15.49 -8.38
CA GLY B 204 -27.27 -14.60 -9.17
C GLY B 204 -27.18 -13.17 -8.73
N LEU B 205 -26.63 -12.92 -7.56
CA LEU B 205 -26.51 -11.54 -7.02
C LEU B 205 -25.30 -10.83 -7.65
N VAL B 206 -24.38 -11.59 -8.23
CA VAL B 206 -23.18 -10.99 -8.88
C VAL B 206 -23.63 -10.06 -10.03
N ARG B 207 -23.04 -8.87 -10.11
CA ARG B 207 -23.38 -7.89 -11.17
C ARG B 207 -22.12 -7.50 -11.95
N VAL B 208 -20.95 -7.65 -11.33
CA VAL B 208 -19.65 -7.30 -12.00
C VAL B 208 -19.35 -8.30 -13.12
N PRO B 209 -18.76 -7.87 -14.25
CA PRO B 209 -18.35 -8.82 -15.27
C PRO B 209 -17.43 -9.89 -14.69
N THR B 210 -17.59 -11.13 -15.15
CA THR B 210 -16.78 -12.24 -14.61
C THR B 210 -16.24 -13.15 -15.68
N CYS B 211 -14.94 -13.43 -15.65
CA CYS B 211 -14.36 -14.47 -16.47
C CYS B 211 -14.02 -15.67 -15.61
N VAL B 212 -14.62 -16.84 -15.94
CA VAL B 212 -14.28 -18.11 -15.32
C VAL B 212 -13.22 -18.80 -16.18
N ILE B 213 -12.06 -19.01 -15.58
CA ILE B 213 -10.98 -19.74 -16.29
C ILE B 213 -10.94 -21.14 -15.68
N GLN B 214 -11.28 -22.14 -16.49
CA GLN B 214 -11.24 -23.54 -16.01
C GLN B 214 -10.08 -24.27 -16.67
N THR B 215 -9.54 -25.28 -16.00
CA THR B 215 -8.50 -26.10 -16.67
C THR B 215 -9.14 -27.35 -17.22
N ALA B 216 -8.37 -28.19 -17.87
CA ALA B 216 -8.88 -29.34 -18.60
C ALA B 216 -9.24 -30.50 -17.67
N LYS B 217 -8.48 -30.69 -16.58
CA LYS B 217 -8.75 -31.76 -15.63
C LYS B 217 -8.30 -31.31 -14.26
N ASP B 218 -9.25 -30.81 -13.48
CA ASP B 218 -8.96 -30.25 -12.19
C ASP B 218 -9.53 -31.23 -11.18
N VAL B 219 -8.67 -31.74 -10.31
CA VAL B 219 -9.09 -32.72 -9.32
C VAL B 219 -10.13 -32.10 -8.37
N SER B 220 -10.14 -30.77 -8.19
CA SER B 220 -11.10 -30.20 -7.26
C SER B 220 -12.35 -29.63 -7.94
N VAL B 221 -12.36 -29.52 -9.28
CA VAL B 221 -13.44 -28.84 -9.98
C VAL B 221 -13.84 -29.65 -11.21
N PRO B 222 -14.98 -30.39 -11.18
CA PRO B 222 -15.46 -31.10 -12.38
C PRO B 222 -15.72 -30.15 -13.53
N ALA B 223 -15.63 -30.70 -14.75
CA ALA B 223 -15.91 -29.98 -15.98
C ALA B 223 -17.30 -29.35 -15.97
N SER B 224 -18.29 -29.99 -15.33
CA SER B 224 -19.66 -29.50 -15.36
C SER B 224 -19.79 -28.17 -14.60
N VAL B 225 -18.86 -27.86 -13.70
CA VAL B 225 -19.01 -26.69 -12.85
C VAL B 225 -18.99 -25.41 -13.69
N ALA B 226 -18.16 -25.37 -14.71
CA ALA B 226 -18.06 -24.18 -15.52
C ALA B 226 -19.40 -23.85 -16.20
N GLU B 227 -20.12 -24.86 -16.71
CA GLU B 227 -21.37 -24.61 -17.40
C GLU B 227 -22.44 -24.22 -16.36
N TYR B 228 -22.38 -24.84 -15.17
CA TYR B 228 -23.23 -24.44 -14.05
C TYR B 228 -23.07 -22.95 -13.83
N LEU B 229 -21.81 -22.49 -13.77
CA LEU B 229 -21.49 -21.12 -13.39
C LEU B 229 -21.96 -20.16 -14.47
N ARG B 230 -21.72 -20.51 -15.74
CA ARG B 230 -22.18 -19.71 -16.87
C ARG B 230 -23.69 -19.48 -16.74
N SER B 231 -24.45 -20.53 -16.41
CA SER B 231 -25.91 -20.43 -16.40
C SER B 231 -26.45 -19.83 -15.09
N HIS B 232 -25.63 -19.68 -14.04
CA HIS B 232 -26.12 -19.22 -12.76
C HIS B 232 -25.55 -17.86 -12.29
N LEU B 233 -24.35 -17.49 -12.72
CA LEU B 233 -23.77 -16.17 -12.37
C LEU B 233 -24.68 -15.05 -12.91
N GLY B 234 -24.82 -13.95 -12.18
CA GLY B 234 -25.79 -12.91 -12.56
C GLY B 234 -25.29 -11.80 -13.46
N GLY B 235 -24.00 -11.73 -13.79
CA GLY B 235 -23.60 -10.58 -14.61
C GLY B 235 -23.16 -11.00 -16.01
N ASP B 236 -22.33 -10.19 -16.65
CA ASP B 236 -21.77 -10.57 -17.97
C ASP B 236 -20.67 -11.61 -17.71
N THR B 237 -21.00 -12.87 -17.98
CA THR B 237 -20.07 -13.94 -17.66
C THR B 237 -19.54 -14.60 -18.92
N THR B 238 -18.26 -14.95 -18.89
CA THR B 238 -17.63 -15.73 -19.97
C THR B 238 -16.88 -16.87 -19.28
N VAL B 239 -16.77 -18.03 -19.93
CA VAL B 239 -16.09 -19.21 -19.33
C VAL B 239 -15.05 -19.73 -20.31
N GLU B 240 -13.78 -19.42 -20.07
CA GLU B 240 -12.69 -19.91 -20.95
C GLU B 240 -12.10 -21.20 -20.36
N THR B 241 -11.73 -22.11 -21.26
CA THR B 241 -11.16 -23.39 -20.82
C THR B 241 -9.71 -23.43 -21.24
N LEU B 242 -8.81 -23.47 -20.28
CA LEU B 242 -7.37 -23.61 -20.58
C LEU B 242 -7.11 -25.02 -21.10
N LYS B 243 -6.25 -25.15 -22.09
CA LYS B 243 -5.91 -26.48 -22.67
C LYS B 243 -4.71 -27.03 -21.90
N THR B 244 -4.81 -27.01 -20.57
CA THR B 244 -3.73 -27.50 -19.71
C THR B 244 -4.38 -28.27 -18.59
N GLU B 245 -3.63 -29.21 -18.02
CA GLU B 245 -4.16 -30.04 -16.95
C GLU B 245 -3.70 -29.49 -15.61
N GLY B 246 -4.65 -29.38 -14.67
CA GLY B 246 -4.37 -29.22 -13.25
C GLY B 246 -5.03 -27.99 -12.64
N HIS B 247 -4.91 -27.89 -11.32
CA HIS B 247 -5.59 -26.90 -10.52
C HIS B 247 -4.76 -25.63 -10.35
N LEU B 248 -3.46 -25.67 -10.67
CA LEU B 248 -2.52 -24.61 -10.39
C LEU B 248 -1.79 -24.19 -11.67
N PRO B 249 -2.50 -23.68 -12.70
CA PRO B 249 -1.85 -23.25 -13.93
C PRO B 249 -0.81 -22.15 -13.73
N GLN B 250 -1.02 -21.30 -12.70
CA GLN B 250 -0.06 -20.25 -12.38
C GLN B 250 1.32 -20.83 -12.06
N LEU B 251 1.36 -22.11 -11.65
CA LEU B 251 2.61 -22.79 -11.37
C LEU B 251 3.02 -23.68 -12.54
N SER B 252 2.05 -24.38 -13.14
CA SER B 252 2.37 -25.46 -14.06
C SER B 252 2.36 -24.98 -15.52
N ALA B 253 1.65 -23.88 -15.81
CA ALA B 253 1.52 -23.41 -17.18
C ALA B 253 1.42 -21.89 -17.19
N PRO B 254 2.39 -21.18 -16.61
CA PRO B 254 2.25 -19.72 -16.46
C PRO B 254 2.02 -18.98 -17.78
N ALA B 255 2.68 -19.43 -18.85
CA ALA B 255 2.60 -18.75 -20.13
C ALA B 255 1.19 -18.84 -20.70
N GLN B 256 0.58 -20.03 -20.67
CA GLN B 256 -0.80 -20.19 -21.13
C GLN B 256 -1.74 -19.35 -20.27
N LEU B 257 -1.52 -19.33 -18.95
CA LEU B 257 -2.42 -18.58 -18.06
C LEU B 257 -2.29 -17.09 -18.35
N ALA B 258 -1.06 -16.59 -18.38
CA ALA B 258 -0.79 -15.17 -18.60
C ALA B 258 -1.41 -14.72 -19.93
N GLN B 259 -1.43 -15.62 -20.91
CA GLN B 259 -2.02 -15.30 -22.23
C GLN B 259 -3.53 -15.10 -22.07
N PHE B 260 -4.20 -16.00 -21.36
CA PHE B 260 -5.66 -15.88 -21.14
C PHE B 260 -5.95 -14.59 -20.38
N LEU B 261 -5.19 -14.33 -19.32
CA LEU B 261 -5.41 -13.13 -18.48
C LEU B 261 -5.27 -11.87 -19.34
N ARG B 262 -4.21 -11.81 -20.13
CA ARG B 262 -4.03 -10.69 -21.06
C ARG B 262 -5.28 -10.40 -21.87
N ARG B 263 -5.94 -11.44 -22.38
CA ARG B 263 -7.16 -11.26 -23.15
C ARG B 263 -8.31 -10.82 -22.24
N ALA B 264 -8.37 -11.37 -21.02
CA ALA B 264 -9.54 -11.23 -20.18
C ALA B 264 -9.54 -9.92 -19.41
N LEU B 265 -8.35 -9.38 -19.07
CA LEU B 265 -8.28 -8.22 -18.20
C LEU B 265 -8.63 -6.94 -18.97
N PRO B 266 -9.47 -6.04 -18.42
CA PRO B 266 -9.55 -4.67 -18.92
C PRO B 266 -8.18 -4.00 -18.81
N ARG B 267 -7.88 -3.09 -19.75
CA ARG B 267 -6.57 -2.46 -19.83
C ARG B 267 -6.53 -1.17 -18.97
#